data_5Z9N
#
_entry.id   5Z9N
#
_cell.length_a   97.684
_cell.length_b   97.684
_cell.length_c   54.406
_cell.angle_alpha   90.00
_cell.angle_beta   90.00
_cell.angle_gamma   90.00
#
_symmetry.space_group_name_H-M   'P 42 21 2'
#
loop_
_entity.id
_entity.type
_entity.pdbx_description
1 polymer 'DNA gyrase subunit B'
2 non-polymer 4,6-dichloro-2-(methylsulfanyl)pyrimidine
3 non-polymer 'SULFATE ION'
4 water water
#
_entity_poly.entity_id   1
_entity_poly.type   'polypeptide(L)'
_entity_poly.pdbx_seq_one_letter_code
;GLDAVRKRPGMYIGDTDDGTGLHHMVFEVVDNAIDEALAGHCKEIIVTIHADNSVSVQDDGRGIPTGIHPEEGVSAAEVI
MTVLHAGGKFDDNSYKVSGGLHGVGVSVVNALSQKLELVIQREGKIHRQIYEHGVPQAPLAVTGETEKTGTMVRFWPSLE
TFTNVTEFEYEILAKRLRELSFLNSGVSIRLRDKRDGKEDHFHYEGG
;
_entity_poly.pdbx_strand_id   A
#
# COMPACT_ATOMS: atom_id res chain seq x y z
N GLY A 1 6.79 16.18 8.73
CA GLY A 1 5.42 16.42 8.18
C GLY A 1 5.31 16.07 6.71
N LEU A 2 4.09 15.70 6.30
CA LEU A 2 3.82 15.29 4.92
C LEU A 2 4.06 16.40 3.88
N ASP A 3 3.89 17.64 4.29
CA ASP A 3 4.14 18.78 3.40
C ASP A 3 5.59 18.84 2.90
N ALA A 4 6.53 18.41 3.75
CA ALA A 4 7.94 18.33 3.38
C ALA A 4 8.23 17.22 2.35
N VAL A 5 7.43 16.15 2.41
CA VAL A 5 7.49 15.07 1.43
C VAL A 5 7.02 15.56 0.06
N ARG A 6 5.91 16.30 0.04
CA ARG A 6 5.36 16.86 -1.20
C ARG A 6 6.27 17.92 -1.81
N LYS A 7 6.93 18.72 -0.98
CA LYS A 7 7.86 19.77 -1.45
C LYS A 7 9.12 19.19 -2.11
N ARG A 8 9.65 18.10 -1.56
CA ARG A 8 10.88 17.47 -2.04
C ARG A 8 10.70 15.95 -2.16
N PRO A 9 9.87 15.49 -3.11
CA PRO A 9 9.54 14.06 -3.19
C PRO A 9 10.72 13.16 -3.51
N GLY A 10 11.64 13.63 -4.37
CA GLY A 10 12.90 12.94 -4.66
C GLY A 10 13.64 12.40 -3.43
N MET A 11 13.71 13.21 -2.39
CA MET A 11 14.31 12.85 -1.12
C MET A 11 13.75 11.55 -0.50
N TYR A 12 12.43 11.37 -0.60
CA TYR A 12 11.72 10.29 0.10
C TYR A 12 11.41 9.05 -0.75
N ILE A 13 11.17 9.24 -2.04
CA ILE A 13 10.77 8.12 -2.92
C ILE A 13 11.78 7.76 -4.01
N GLY A 14 12.78 8.61 -4.25
CA GLY A 14 13.72 8.42 -5.35
C GLY A 14 13.32 9.20 -6.58
N ASP A 15 13.94 8.87 -7.70
CA ASP A 15 13.81 9.63 -8.94
C ASP A 15 12.37 9.63 -9.45
N THR A 16 11.78 10.81 -9.54
CA THR A 16 10.38 11.01 -9.94
C THR A 16 10.15 11.15 -11.45
N ASP A 17 11.24 11.09 -12.22
CA ASP A 17 11.18 11.23 -13.68
C ASP A 17 11.52 9.97 -14.48
N ASP A 18 12.43 9.12 -13.99
CA ASP A 18 12.85 7.92 -14.75
C ASP A 18 11.98 6.68 -14.52
N GLY A 19 10.98 6.78 -13.66
CA GLY A 19 10.09 5.65 -13.35
C GLY A 19 10.45 4.84 -12.12
N THR A 20 11.68 4.97 -11.61
CA THR A 20 12.11 4.18 -10.44
C THR A 20 11.36 4.55 -9.15
N GLY A 21 11.15 5.85 -8.93
CA GLY A 21 10.36 6.32 -7.79
C GLY A 21 8.90 5.87 -7.84
N LEU A 22 8.31 5.93 -9.03
CA LEU A 22 6.95 5.48 -9.27
C LEU A 22 6.75 4.05 -8.80
N HIS A 23 7.66 3.18 -9.19
CA HIS A 23 7.59 1.75 -8.81
C HIS A 23 8.00 1.49 -7.38
N HIS A 24 8.90 2.31 -6.82
CA HIS A 24 9.20 2.24 -5.38
C HIS A 24 7.97 2.46 -4.53
N MET A 25 7.04 3.29 -5.01
CA MET A 25 5.77 3.49 -4.31
C MET A 25 5.10 2.15 -4.00
N VAL A 26 5.08 1.26 -4.99
CA VAL A 26 4.48 -0.06 -4.85
C VAL A 26 5.28 -0.91 -3.85
N PHE A 27 6.61 -0.94 -4.02
CA PHE A 27 7.49 -1.76 -3.19
C PHE A 27 7.48 -1.35 -1.72
N GLU A 28 7.33 -0.06 -1.48
CA GLU A 28 7.23 0.44 -0.12
C GLU A 28 5.99 -0.10 0.62
N VAL A 29 4.87 -0.15 -0.07
CA VAL A 29 3.63 -0.72 0.49
C VAL A 29 3.71 -2.24 0.66
N VAL A 30 4.30 -2.90 -0.33
CA VAL A 30 4.55 -4.35 -0.27
C VAL A 30 5.37 -4.73 0.95
N ASP A 31 6.48 -4.03 1.18
CA ASP A 31 7.34 -4.23 2.36
C ASP A 31 6.59 -4.16 3.67
N ASN A 32 5.63 -3.24 3.77
CA ASN A 32 4.77 -3.15 4.95
C ASN A 32 3.83 -4.35 5.08
N ALA A 33 3.30 -4.80 3.95
CA ALA A 33 2.47 -6.01 3.90
C ALA A 33 3.26 -7.27 4.29
N ILE A 34 4.53 -7.31 3.90
CA ILE A 34 5.42 -8.41 4.28
C ILE A 34 5.77 -8.34 5.78
N ASP A 35 6.15 -7.14 6.24
CA ASP A 35 6.48 -6.90 7.66
C ASP A 35 5.30 -6.95 8.64
N GLU A 36 4.07 -7.05 8.13
CA GLU A 36 2.89 -7.15 8.98
C GLU A 36 2.89 -8.45 9.79
N ALA A 37 2.41 -8.35 11.04
CA ALA A 37 2.20 -9.50 11.93
C ALA A 37 1.15 -10.44 11.34
N LEU A 38 1.44 -11.74 11.39
CA LEU A 38 0.54 -12.75 10.82
C LEU A 38 -0.76 -12.85 11.63
N ALA A 39 -1.87 -13.08 10.93
CA ALA A 39 -3.19 -13.28 11.57
C ALA A 39 -3.47 -14.77 11.81
N GLY A 40 -3.17 -15.58 10.80
CA GLY A 40 -3.12 -17.04 10.94
C GLY A 40 -1.67 -17.50 10.88
N HIS A 41 -1.44 -18.70 10.36
CA HIS A 41 -0.08 -19.27 10.24
C HIS A 41 0.65 -18.89 8.94
N CYS A 42 -0.11 -18.40 7.94
CA CYS A 42 0.44 -17.99 6.64
C CYS A 42 0.07 -16.54 6.32
N LYS A 43 0.70 -16.02 5.28
CA LYS A 43 0.38 -14.72 4.73
C LYS A 43 0.20 -14.85 3.22
N GLU A 44 -0.85 -14.22 2.71
CA GLU A 44 -1.00 -13.97 1.28
C GLU A 44 -1.05 -12.47 1.01
N ILE A 45 -0.32 -12.05 -0.01
CA ILE A 45 -0.30 -10.66 -0.47
C ILE A 45 -0.75 -10.67 -1.92
N ILE A 46 -1.66 -9.76 -2.26
CA ILE A 46 -2.21 -9.62 -3.60
C ILE A 46 -1.91 -8.21 -4.10
N VAL A 47 -1.11 -8.13 -5.15
CA VAL A 47 -0.75 -6.88 -5.79
C VAL A 47 -1.50 -6.79 -7.11
N THR A 48 -2.29 -5.74 -7.27
CA THR A 48 -3.14 -5.58 -8.45
C THR A 48 -2.85 -4.25 -9.11
N ILE A 49 -2.48 -4.26 -10.39
CA ILE A 49 -2.50 -3.05 -11.20
C ILE A 49 -3.88 -2.96 -11.81
N HIS A 50 -4.62 -1.95 -11.41
CA HIS A 50 -5.99 -1.76 -11.89
C HIS A 50 -5.93 -1.05 -13.21
N ALA A 51 -7.06 -1.07 -13.92
CA ALA A 51 -7.13 -0.50 -15.29
C ALA A 51 -7.26 1.04 -15.35
N ASP A 52 -7.26 1.69 -14.18
CA ASP A 52 -7.14 3.16 -14.06
C ASP A 52 -5.72 3.57 -13.61
N ASN A 53 -4.76 2.66 -13.85
CA ASN A 53 -3.38 2.81 -13.43
C ASN A 53 -3.17 3.09 -11.94
N SER A 54 -4.09 2.64 -11.08
CA SER A 54 -3.82 2.59 -9.64
C SER A 54 -3.27 1.21 -9.32
N VAL A 55 -2.56 1.12 -8.20
CA VAL A 55 -2.09 -0.16 -7.66
C VAL A 55 -2.70 -0.37 -6.27
N SER A 56 -3.21 -1.58 -6.03
CA SER A 56 -3.60 -1.96 -4.67
C SER A 56 -2.74 -3.11 -4.18
N VAL A 57 -2.34 -3.02 -2.91
CA VAL A 57 -1.68 -4.11 -2.21
C VAL A 57 -2.64 -4.50 -1.09
N GLN A 58 -3.01 -5.78 -1.06
CA GLN A 58 -3.77 -6.29 0.08
C GLN A 58 -3.15 -7.51 0.70
N ASP A 59 -3.24 -7.59 2.02
CA ASP A 59 -2.78 -8.75 2.77
C ASP A 59 -3.91 -9.30 3.63
N ASP A 60 -3.64 -10.42 4.25
CA ASP A 60 -4.57 -11.11 5.10
C ASP A 60 -4.06 -11.19 6.50
N GLY A 61 -3.19 -10.27 6.86
CA GLY A 61 -2.68 -10.17 8.19
C GLY A 61 -3.67 -9.67 9.21
N ARG A 62 -3.16 -9.11 10.29
CA ARG A 62 -3.99 -8.71 11.39
C ARG A 62 -4.84 -7.46 11.19
N GLY A 63 -4.43 -6.61 10.28
CA GLY A 63 -5.08 -5.33 10.11
C GLY A 63 -4.37 -4.22 10.84
N ILE A 64 -4.27 -3.08 10.21
CA ILE A 64 -3.73 -1.93 10.92
C ILE A 64 -4.68 -1.59 12.08
N PRO A 65 -4.16 -1.32 13.29
CA PRO A 65 -5.07 -0.97 14.40
C PRO A 65 -5.91 0.28 14.12
N THR A 66 -7.19 0.19 14.49
CA THR A 66 -8.19 1.20 14.17
C THR A 66 -8.62 2.09 15.35
N GLY A 67 -8.37 1.63 16.58
CA GLY A 67 -8.74 2.38 17.79
C GLY A 67 -8.11 3.76 17.86
N ILE A 68 -8.75 4.64 18.62
CA ILE A 68 -8.30 6.02 18.77
C ILE A 68 -6.94 6.05 19.46
N HIS A 69 -5.98 6.71 18.82
CA HIS A 69 -4.67 6.95 19.42
C HIS A 69 -4.87 7.99 20.53
N PRO A 70 -4.59 7.61 21.80
CA PRO A 70 -4.96 8.47 22.95
C PRO A 70 -4.34 9.86 22.92
N GLU A 71 -3.10 9.94 22.47
CA GLU A 71 -2.35 11.20 22.38
C GLU A 71 -2.69 12.05 21.13
N GLU A 72 -3.02 11.40 20.02
CA GLU A 72 -3.21 12.08 18.74
C GLU A 72 -4.67 12.40 18.46
N GLY A 73 -5.59 11.62 19.04
CA GLY A 73 -7.02 11.91 18.96
C GLY A 73 -7.72 11.44 17.69
N VAL A 74 -7.03 10.67 16.86
CA VAL A 74 -7.61 10.02 15.68
C VAL A 74 -7.21 8.56 15.70
N SER A 75 -7.85 7.78 14.83
CA SER A 75 -7.53 6.36 14.71
C SER A 75 -6.01 6.15 14.54
N ALA A 76 -5.51 5.08 15.14
CA ALA A 76 -4.10 4.71 15.00
C ALA A 76 -3.73 4.52 13.53
N ALA A 77 -4.65 3.99 12.74
CA ALA A 77 -4.46 3.83 11.31
C ALA A 77 -4.20 5.17 10.62
N GLU A 78 -4.97 6.19 10.97
CA GLU A 78 -4.74 7.54 10.44
C GLU A 78 -3.36 8.10 10.80
N VAL A 79 -2.88 7.77 12.00
CA VAL A 79 -1.57 8.26 12.47
C VAL A 79 -0.48 7.63 11.60
N ILE A 80 -0.60 6.33 11.37
CA ILE A 80 0.34 5.58 10.56
C ILE A 80 0.37 6.14 9.13
N MET A 81 -0.81 6.47 8.59
CA MET A 81 -0.92 6.98 7.24
C MET A 81 -0.47 8.43 7.06
N THR A 82 -0.36 9.18 8.15
CA THR A 82 -0.06 10.63 8.07
C THR A 82 1.21 11.12 8.79
N VAL A 83 1.99 10.20 9.31
CA VAL A 83 3.19 10.55 10.02
C VAL A 83 4.45 9.90 9.48
N LEU A 84 5.46 10.71 9.28
CA LEU A 84 6.77 10.22 8.89
C LEU A 84 7.43 9.17 9.77
N HIS A 85 7.35 9.30 11.09
CA HIS A 85 7.85 8.25 11.94
C HIS A 85 6.83 7.75 12.93
N GLY A 103 12.22 1.55 2.80
CA GLY A 103 11.91 1.44 4.22
C GLY A 103 11.68 2.79 4.86
N VAL A 104 10.66 3.49 4.33
CA VAL A 104 10.34 4.88 4.71
C VAL A 104 8.89 5.05 5.26
N GLY A 105 7.94 4.29 4.72
CA GLY A 105 6.58 4.25 5.23
C GLY A 105 5.54 4.49 4.16
N VAL A 106 4.32 4.07 4.46
CA VAL A 106 3.17 4.26 3.58
C VAL A 106 2.76 5.73 3.55
N SER A 107 3.00 6.43 4.65
CA SER A 107 2.71 7.85 4.73
C SER A 107 3.36 8.64 3.58
N VAL A 108 4.57 8.25 3.19
CA VAL A 108 5.24 8.83 2.02
C VAL A 108 4.43 8.52 0.76
N VAL A 109 4.06 7.26 0.57
CA VAL A 109 3.26 6.85 -0.59
C VAL A 109 1.95 7.64 -0.61
N ASN A 110 1.31 7.71 0.55
CA ASN A 110 0.11 8.54 0.75
C ASN A 110 0.32 10.00 0.32
N ALA A 111 1.42 10.59 0.80
CA ALA A 111 1.79 11.99 0.51
C ALA A 111 1.90 12.29 -0.97
N LEU A 112 2.44 11.32 -1.72
CA LEU A 112 2.69 11.47 -3.14
C LEU A 112 1.63 10.80 -4.02
N SER A 113 0.46 10.53 -3.43
CA SER A 113 -0.67 9.94 -4.14
C SER A 113 -1.78 10.95 -4.25
N GLN A 114 -2.32 11.17 -5.45
CA GLN A 114 -3.48 12.06 -5.61
C GLN A 114 -4.69 11.55 -4.83
N LYS A 115 -4.85 10.23 -4.80
CA LYS A 115 -5.84 9.60 -3.96
C LYS A 115 -5.25 8.34 -3.36
N LEU A 116 -5.65 8.04 -2.13
CA LEU A 116 -5.38 6.74 -1.52
C LEU A 116 -6.63 6.25 -0.79
N GLU A 117 -7.01 5.00 -1.07
CA GLU A 117 -8.08 4.29 -0.37
C GLU A 117 -7.48 3.29 0.59
N LEU A 118 -7.96 3.30 1.82
CA LEU A 118 -7.53 2.35 2.85
C LEU A 118 -8.74 1.57 3.33
N VAL A 119 -8.70 0.24 3.18
CA VAL A 119 -9.69 -0.66 3.75
C VAL A 119 -9.02 -1.63 4.74
N ILE A 120 -9.46 -1.58 5.99
CA ILE A 120 -8.99 -2.47 7.06
C ILE A 120 -10.12 -3.37 7.52
N GLN A 121 -9.83 -4.67 7.61
CA GLN A 121 -10.74 -5.65 8.19
C GLN A 121 -10.10 -6.15 9.46
N ARG A 122 -10.72 -5.80 10.60
CA ARG A 122 -10.23 -6.13 11.94
C ARG A 122 -11.40 -6.11 12.92
N GLU A 123 -11.34 -7.03 13.91
CA GLU A 123 -12.34 -7.14 14.98
C GLU A 123 -13.79 -7.27 14.47
N GLY A 124 -13.95 -8.07 13.41
CA GLY A 124 -15.27 -8.33 12.82
C GLY A 124 -15.88 -7.22 11.97
N LYS A 125 -15.12 -6.14 11.73
CA LYS A 125 -15.63 -4.92 11.10
C LYS A 125 -14.79 -4.47 9.92
N ILE A 126 -15.45 -3.90 8.90
CA ILE A 126 -14.78 -3.31 7.73
C ILE A 126 -14.67 -1.82 7.98
N HIS A 127 -13.45 -1.29 7.92
CA HIS A 127 -13.16 0.13 8.10
C HIS A 127 -12.63 0.72 6.80
N ARG A 128 -13.04 1.94 6.47
CA ARG A 128 -12.64 2.61 5.21
C ARG A 128 -12.33 4.10 5.41
N GLN A 129 -11.32 4.57 4.66
CA GLN A 129 -10.89 5.97 4.71
C GLN A 129 -10.22 6.41 3.40
N ILE A 130 -10.59 7.59 2.93
CA ILE A 130 -10.06 8.17 1.71
C ILE A 130 -9.12 9.32 2.05
N TYR A 131 -7.96 9.35 1.38
CA TYR A 131 -7.00 10.45 1.49
C TYR A 131 -6.79 11.09 0.13
N GLU A 132 -6.44 12.37 0.15
CA GLU A 132 -6.06 13.12 -1.06
C GLU A 132 -4.77 13.91 -0.77
N HIS A 133 -3.69 13.58 -1.47
CA HIS A 133 -2.35 14.11 -1.17
C HIS A 133 -1.94 13.93 0.30
N GLY A 134 -2.33 12.80 0.88
CA GLY A 134 -2.09 12.56 2.31
C GLY A 134 -3.04 13.17 3.33
N VAL A 135 -4.02 13.95 2.87
CA VAL A 135 -4.98 14.58 3.75
C VAL A 135 -6.25 13.72 3.79
N PRO A 136 -6.65 13.23 4.97
CA PRO A 136 -7.88 12.41 5.03
C PRO A 136 -9.13 13.23 4.73
N GLN A 137 -10.01 12.67 3.91
CA GLN A 137 -11.25 13.37 3.53
C GLN A 137 -12.36 13.20 4.57
N ALA A 138 -12.20 12.20 5.42
CA ALA A 138 -13.11 11.98 6.55
C ALA A 138 -12.43 11.05 7.56
N PRO A 139 -12.97 10.98 8.80
CA PRO A 139 -12.42 10.03 9.77
C PRO A 139 -12.64 8.59 9.32
N LEU A 140 -11.71 7.71 9.72
CA LEU A 140 -11.84 6.28 9.48
C LEU A 140 -13.21 5.82 9.99
N ALA A 141 -13.95 5.12 9.13
CA ALA A 141 -15.35 4.80 9.38
C ALA A 141 -15.63 3.32 9.16
N VAL A 142 -16.52 2.78 10.00
CA VAL A 142 -17.02 1.42 9.87
C VAL A 142 -18.07 1.38 8.77
N THR A 143 -17.85 0.55 7.75
CA THR A 143 -18.76 0.46 6.61
C THR A 143 -19.54 -0.85 6.55
N GLY A 144 -19.21 -1.81 7.41
CA GLY A 144 -19.88 -3.10 7.40
C GLY A 144 -19.18 -4.16 8.23
N GLU A 145 -19.66 -5.40 8.11
CA GLU A 145 -19.16 -6.54 8.88
C GLU A 145 -18.39 -7.51 8.00
N THR A 146 -17.52 -8.31 8.61
CA THR A 146 -16.64 -9.22 7.90
C THR A 146 -16.17 -10.34 8.81
N GLU A 147 -15.93 -11.51 8.22
CA GLU A 147 -15.31 -12.64 8.90
C GLU A 147 -13.80 -12.70 8.64
N LYS A 148 -13.32 -11.88 7.71
CA LYS A 148 -11.90 -11.82 7.34
C LYS A 148 -11.14 -10.76 8.15
N THR A 149 -9.81 -10.81 8.05
CA THR A 149 -8.93 -9.76 8.54
C THR A 149 -7.91 -9.38 7.46
N GLY A 150 -7.33 -8.21 7.63
CA GLY A 150 -6.27 -7.74 6.74
C GLY A 150 -6.44 -6.29 6.31
N THR A 151 -5.45 -5.83 5.56
CA THR A 151 -5.36 -4.45 5.12
C THR A 151 -5.33 -4.39 3.60
N MET A 152 -5.95 -3.35 3.05
CA MET A 152 -5.91 -3.07 1.62
C MET A 152 -5.63 -1.58 1.42
N VAL A 153 -4.49 -1.28 0.82
CA VAL A 153 -4.13 0.05 0.40
C VAL A 153 -4.17 0.09 -1.14
N ARG A 154 -4.97 1.00 -1.68
CA ARG A 154 -5.00 1.28 -3.11
C ARG A 154 -4.67 2.74 -3.31
N PHE A 155 -3.68 3.02 -4.17
CA PHE A 155 -3.22 4.37 -4.41
C PHE A 155 -3.09 4.72 -5.89
N TRP A 156 -3.38 5.99 -6.16
CA TRP A 156 -3.32 6.60 -7.48
C TRP A 156 -2.20 7.64 -7.39
N PRO A 157 -1.05 7.39 -8.05
CA PRO A 157 0.07 8.34 -7.89
C PRO A 157 -0.23 9.74 -8.42
N SER A 158 0.35 10.75 -7.78
CA SER A 158 0.12 12.12 -8.16
C SER A 158 0.97 12.43 -9.39
N LEU A 159 0.34 12.97 -10.42
CA LEU A 159 1.04 13.44 -11.59
C LEU A 159 1.53 14.88 -11.48
N GLU A 160 1.27 15.53 -10.33
CA GLU A 160 2.02 16.71 -9.91
C GLU A 160 3.43 16.36 -9.40
N THR A 161 3.64 15.10 -9.03
CA THR A 161 4.94 14.58 -8.60
C THR A 161 5.67 13.80 -9.70
N PHE A 162 4.98 12.82 -10.29
CA PHE A 162 5.60 11.84 -11.16
C PHE A 162 5.45 12.21 -12.64
N THR A 163 6.60 12.47 -13.27
CA THR A 163 6.66 12.96 -14.65
C THR A 163 7.35 11.94 -15.57
N ASN A 164 7.14 12.13 -16.87
CA ASN A 164 7.72 11.30 -17.95
C ASN A 164 7.18 9.87 -17.91
N VAL A 165 7.70 9.03 -17.03
CA VAL A 165 7.15 7.68 -16.84
C VAL A 165 6.00 7.75 -15.85
N THR A 166 4.77 7.68 -16.36
CA THR A 166 3.54 7.77 -15.55
C THR A 166 2.79 6.45 -15.43
N GLU A 167 3.28 5.40 -16.09
CA GLU A 167 2.54 4.15 -16.12
C GLU A 167 3.35 3.01 -15.49
N PHE A 168 2.69 2.22 -14.66
CA PHE A 168 3.29 1.03 -14.08
C PHE A 168 3.55 -0.03 -15.15
N GLU A 169 4.60 -0.82 -14.89
CA GLU A 169 5.18 -1.74 -15.83
C GLU A 169 5.14 -3.09 -15.13
N TYR A 170 4.25 -3.96 -15.58
CA TYR A 170 4.06 -5.29 -15.02
C TYR A 170 5.37 -6.01 -14.73
N GLU A 171 6.24 -6.06 -15.75
CA GLU A 171 7.50 -6.80 -15.67
C GLU A 171 8.39 -6.36 -14.51
N ILE A 172 8.45 -5.05 -14.26
CA ILE A 172 9.25 -4.52 -13.14
C ILE A 172 8.69 -5.05 -11.82
N LEU A 173 7.38 -4.99 -11.67
CA LEU A 173 6.70 -5.54 -10.49
C LEU A 173 6.89 -7.04 -10.36
N ALA A 174 6.68 -7.76 -11.45
CA ALA A 174 6.85 -9.22 -11.48
C ALA A 174 8.25 -9.66 -11.05
N LYS A 175 9.30 -9.00 -11.58
CA LYS A 175 10.68 -9.39 -11.29
C LYS A 175 11.02 -9.19 -9.82
N ARG A 176 10.66 -8.04 -9.27
CA ARG A 176 10.93 -7.75 -7.87
C ARG A 176 10.20 -8.70 -6.89
N LEU A 177 8.92 -8.92 -7.13
CA LEU A 177 8.11 -9.78 -6.24
C LEU A 177 8.62 -11.22 -6.25
N ARG A 178 9.07 -11.68 -7.41
CA ARG A 178 9.73 -12.96 -7.46
C ARG A 178 10.99 -12.99 -6.58
N GLU A 179 11.84 -11.97 -6.65
CA GLU A 179 13.05 -11.90 -5.81
C GLU A 179 12.66 -11.97 -4.31
N LEU A 180 11.69 -11.16 -3.92
CA LEU A 180 11.14 -11.15 -2.54
C LEU A 180 10.57 -12.49 -2.10
N SER A 181 9.91 -13.18 -3.03
CA SER A 181 9.33 -14.50 -2.78
C SER A 181 10.34 -15.49 -2.16
N PHE A 182 11.52 -15.55 -2.75
CA PHE A 182 12.59 -16.42 -2.27
C PHE A 182 13.15 -16.04 -0.90
N LEU A 183 13.10 -14.75 -0.58
CA LEU A 183 13.46 -14.27 0.77
C LEU A 183 12.37 -14.42 1.84
N ASN A 184 11.13 -14.69 1.44
CA ASN A 184 10.01 -14.78 2.38
C ASN A 184 9.25 -16.08 2.16
N SER A 185 9.83 -17.15 2.65
CA SER A 185 9.27 -18.49 2.52
C SER A 185 7.93 -18.62 3.23
N GLY A 186 7.00 -19.32 2.59
CA GLY A 186 5.64 -19.47 3.09
C GLY A 186 4.66 -18.37 2.66
N VAL A 187 5.18 -17.24 2.17
CA VAL A 187 4.35 -16.10 1.78
C VAL A 187 3.89 -16.26 0.32
N SER A 188 2.58 -16.22 0.11
CA SER A 188 2.00 -16.31 -1.22
C SER A 188 1.91 -14.90 -1.80
N ILE A 189 2.56 -14.66 -2.94
CA ILE A 189 2.49 -13.34 -3.61
C ILE A 189 1.85 -13.46 -4.99
N ARG A 190 0.67 -12.85 -5.14
CA ARG A 190 -0.04 -12.80 -6.42
C ARG A 190 0.09 -11.43 -7.07
N LEU A 191 0.34 -11.43 -8.39
CA LEU A 191 0.40 -10.20 -9.17
C LEU A 191 -0.67 -10.26 -10.24
N ARG A 192 -1.50 -9.22 -10.33
CA ARG A 192 -2.60 -9.20 -11.29
C ARG A 192 -2.61 -7.86 -12.02
N ASP A 193 -2.72 -7.91 -13.35
CA ASP A 193 -2.83 -6.73 -14.17
C ASP A 193 -4.19 -6.71 -14.83
N LYS A 194 -5.04 -5.80 -14.39
CA LYS A 194 -6.40 -5.70 -14.92
C LYS A 194 -6.51 -4.95 -16.25
N ARG A 195 -5.40 -4.36 -16.71
CA ARG A 195 -5.36 -3.73 -18.02
C ARG A 195 -5.44 -4.75 -19.15
N ASP A 196 -4.70 -5.85 -19.03
CA ASP A 196 -4.69 -6.91 -20.06
C ASP A 196 -4.88 -8.34 -19.55
N GLY A 197 -5.15 -8.50 -18.27
CA GLY A 197 -5.39 -9.82 -17.68
C GLY A 197 -4.18 -10.69 -17.34
N LYS A 198 -2.95 -10.16 -17.46
CA LYS A 198 -1.78 -10.94 -17.10
C LYS A 198 -1.78 -11.19 -15.59
N GLU A 199 -1.40 -12.40 -15.17
CA GLU A 199 -1.19 -12.67 -13.75
C GLU A 199 -0.04 -13.64 -13.51
N ASP A 200 0.42 -13.64 -12.27
CA ASP A 200 1.50 -14.49 -11.81
C ASP A 200 1.26 -14.86 -10.36
N HIS A 201 1.86 -15.97 -9.95
CA HIS A 201 1.83 -16.41 -8.57
C HIS A 201 3.24 -16.82 -8.14
N PHE A 202 3.76 -16.17 -7.11
CA PHE A 202 5.08 -16.46 -6.54
C PHE A 202 4.92 -16.94 -5.12
N HIS A 203 5.28 -18.19 -4.90
CA HIS A 203 5.09 -18.86 -3.63
C HIS A 203 6.23 -19.85 -3.45
N TYR A 204 7.21 -19.45 -2.65
CA TYR A 204 8.38 -20.26 -2.33
C TYR A 204 8.20 -20.89 -0.95
N GLU A 205 8.49 -22.18 -0.84
CA GLU A 205 8.33 -22.92 0.42
C GLU A 205 9.53 -23.83 0.68
N GLY A 206 10.75 -23.32 0.53
CA GLY A 206 11.95 -24.15 0.61
C GLY A 206 12.41 -24.40 2.04
#